data_3ZOF
#
_entry.id   3ZOF
#
_cell.length_a   64.524
_cell.length_b   74.618
_cell.length_c   77.743
_cell.angle_alpha   90.00
_cell.angle_beta   90.00
_cell.angle_gamma   90.00
#
_symmetry.space_group_name_H-M   'P 21 21 21'
#
loop_
_entity.id
_entity.type
_entity.pdbx_description
1 polymer FLAVOREDOXIN
2 non-polymer benzene-1,4-diol
3 non-polymer 'FLAVIN MONONUCLEOTIDE'
4 water water
#
_entity_poly.entity_id   1
_entity_poly.type   'polypeptide(L)'
_entity_poly.pdbx_seq_one_letter_code
;MRSYRAQGPLPGFYHYYPGVPAVVGVRVEERVNFCPAVWNTGLSADPPLFGVSISPKRFTHGLLLKARRFSASFHPFGQK
DLVHWLGSHSGREVDKGQAPHFLGHTGVPILEGAYAAYELELLEVHTFGDHDLFVGRVVAVWEEEGLLDEKGRPKPGLAL
LYYGKGLYGRPAEETFAP
;
_entity_poly.pdbx_strand_id   A,B
#
# COMPACT_ATOMS: atom_id res chain seq x y z
N MET A 1 6.99 0.50 25.06
CA MET A 1 6.65 -0.21 23.82
C MET A 1 6.88 -1.71 23.97
N ARG A 2 5.79 -2.48 23.95
CA ARG A 2 5.87 -3.94 23.98
C ARG A 2 6.45 -4.44 22.67
N SER A 3 7.28 -5.47 22.74
CA SER A 3 7.75 -6.17 21.57
C SER A 3 7.56 -7.66 21.77
N TYR A 4 7.68 -8.44 20.69
CA TYR A 4 7.84 -9.88 20.76
C TYR A 4 8.50 -10.34 19.47
N ARG A 5 9.21 -11.47 19.52
CA ARG A 5 9.70 -12.13 18.30
C ARG A 5 8.62 -12.87 17.55
N ALA A 6 8.57 -12.69 16.24
CA ALA A 6 7.63 -13.45 15.41
C ALA A 6 7.90 -14.96 15.47
N GLN A 7 6.85 -15.74 15.66
CA GLN A 7 6.99 -17.19 15.86
C GLN A 7 6.20 -17.93 14.81
N GLY A 8 5.73 -17.17 13.83
CA GLY A 8 4.86 -17.66 12.77
C GLY A 8 3.99 -16.46 12.41
N PRO A 9 2.80 -16.71 11.85
CA PRO A 9 1.88 -15.63 11.46
C PRO A 9 1.46 -14.76 12.65
N LEU A 10 1.35 -13.45 12.42
CA LEU A 10 1.06 -12.55 13.52
C LEU A 10 -0.38 -12.66 14.00
N PRO A 11 -0.61 -12.53 15.32
CA PRO A 11 -1.99 -12.50 15.86
C PRO A 11 -2.89 -11.57 15.02
N GLY A 12 -2.40 -10.39 14.70
CA GLY A 12 -3.02 -9.57 13.64
C GLY A 12 -1.93 -8.84 12.88
N PHE A 13 -2.05 -8.86 11.56
CA PHE A 13 -1.08 -8.26 10.66
C PHE A 13 -1.64 -6.96 10.08
N TYR A 14 -1.97 -6.00 10.95
CA TYR A 14 -2.70 -4.79 10.57
C TYR A 14 -2.00 -3.47 10.95
N HIS A 15 -0.80 -3.55 11.49
CA HIS A 15 -0.06 -2.38 11.97
C HIS A 15 0.14 -1.28 10.94
N TYR A 16 0.21 -1.67 9.66
CA TYR A 16 0.44 -0.72 8.56
C TYR A 16 -0.86 -0.26 7.89
N TYR A 17 -2.00 -0.74 8.35
CA TYR A 17 -3.29 -0.27 7.84
C TYR A 17 -3.63 1.08 8.51
N PRO A 18 -4.60 1.83 7.97
CA PRO A 18 -5.51 1.59 6.87
C PRO A 18 -4.83 1.76 5.54
N GLY A 19 -5.41 1.14 4.52
CA GLY A 19 -5.03 1.41 3.14
C GLY A 19 -6.24 1.49 2.24
N VAL A 20 -6.05 2.08 1.07
CA VAL A 20 -7.05 2.09 0.01
C VAL A 20 -7.15 0.72 -0.66
N PRO A 21 -8.35 0.14 -0.68
CA PRO A 21 -8.49 -1.12 -1.43
C PRO A 21 -8.58 -0.88 -2.93
N ALA A 22 -7.87 -1.67 -3.71
CA ALA A 22 -7.98 -1.58 -5.14
C ALA A 22 -9.04 -2.62 -5.53
N VAL A 23 -10.05 -2.21 -6.26
CA VAL A 23 -10.97 -3.21 -6.77
C VAL A 23 -10.37 -3.73 -8.05
N VAL A 24 -10.03 -5.02 -8.02
CA VAL A 24 -9.45 -5.67 -9.17
C VAL A 24 -10.65 -6.19 -9.98
N GLY A 25 -10.74 -5.79 -11.25
CA GLY A 25 -11.77 -6.27 -12.16
C GLY A 25 -11.08 -7.11 -13.21
N VAL A 26 -11.63 -8.29 -13.51
CA VAL A 26 -11.02 -9.18 -14.54
C VAL A 26 -12.08 -9.88 -15.41
N ARG A 27 -11.81 -10.07 -16.70
CA ARG A 27 -12.77 -10.70 -17.62
C ARG A 27 -12.11 -11.85 -18.36
N VAL A 28 -12.73 -13.03 -18.29
CA VAL A 28 -12.36 -14.17 -19.12
C VAL A 28 -13.59 -14.56 -19.97
N GLU A 29 -13.58 -14.12 -21.23
CA GLU A 29 -14.71 -14.22 -22.17
C GLU A 29 -15.91 -13.44 -21.65
N GLU A 30 -17.01 -14.14 -21.39
CA GLU A 30 -18.21 -13.46 -20.90
C GLU A 30 -18.09 -13.24 -19.41
N ARG A 31 -17.32 -14.10 -18.75
CA ARG A 31 -17.19 -14.09 -17.30
C ARG A 31 -16.42 -12.86 -16.76
N VAL A 32 -17.11 -12.01 -16.00
CA VAL A 32 -16.50 -10.88 -15.32
C VAL A 32 -16.45 -11.13 -13.81
N ASN A 33 -15.32 -10.82 -13.17
CA ASN A 33 -15.16 -10.92 -11.69
C ASN A 33 -14.47 -9.70 -11.05
N PHE A 34 -14.82 -9.40 -9.80
CA PHE A 34 -14.24 -8.28 -9.08
C PHE A 34 -13.83 -8.70 -7.68
N CYS A 35 -12.65 -8.25 -7.27
CA CYS A 35 -12.04 -8.66 -6.02
C CYS A 35 -11.35 -7.44 -5.37
N PRO A 36 -11.75 -7.07 -4.15
CA PRO A 36 -10.93 -5.98 -3.61
C PRO A 36 -9.57 -6.46 -3.06
N ALA A 37 -8.57 -5.60 -3.18
CA ALA A 37 -7.23 -5.94 -2.73
C ALA A 37 -6.63 -4.75 -2.02
N VAL A 38 -6.49 -4.87 -0.71
CA VAL A 38 -5.84 -3.80 0.05
C VAL A 38 -4.31 -3.91 0.03
N TRP A 39 -3.81 -5.10 -0.30
CA TRP A 39 -2.38 -5.26 -0.52
C TRP A 39 -2.09 -4.85 -1.94
N ASN A 40 -1.82 -3.56 -2.10
CA ASN A 40 -1.60 -2.99 -3.40
C ASN A 40 -0.62 -1.86 -3.21
N THR A 41 0.10 -1.49 -4.27
CA THR A 41 1.12 -0.45 -4.20
C THR A 41 1.60 -0.07 -5.59
N GLY A 42 2.05 1.18 -5.76
CA GLY A 42 2.79 1.59 -6.93
C GLY A 42 4.14 0.86 -6.90
N LEU A 43 4.69 0.53 -8.06
CA LEU A 43 5.99 -0.17 -8.09
C LEU A 43 7.04 0.56 -8.91
N SER A 44 6.59 1.47 -9.79
CA SER A 44 7.51 2.22 -10.65
C SER A 44 6.72 3.37 -11.21
N ALA A 45 7.38 4.49 -11.48
CA ALA A 45 6.71 5.60 -12.11
C ALA A 45 7.02 5.61 -13.61
N ASP A 46 8.24 5.24 -13.95
CA ASP A 46 8.68 5.23 -15.34
C ASP A 46 9.33 3.89 -15.67
N PRO A 47 8.56 2.94 -16.24
CA PRO A 47 7.18 3.05 -16.65
C PRO A 47 6.22 2.87 -15.47
N PRO A 48 4.95 3.27 -15.63
CA PRO A 48 4.02 3.20 -14.49
C PRO A 48 3.57 1.76 -14.21
N LEU A 49 4.09 1.18 -13.12
CA LEU A 49 3.78 -0.18 -12.64
C LEU A 49 2.98 -0.15 -11.34
N PHE A 50 1.99 -1.02 -11.28
CA PHE A 50 1.09 -1.09 -10.14
C PHE A 50 0.90 -2.57 -9.80
N GLY A 51 1.04 -2.88 -8.50
CA GLY A 51 1.02 -4.25 -8.03
C GLY A 51 -0.14 -4.55 -7.12
N VAL A 52 -0.71 -5.73 -7.26
CA VAL A 52 -1.70 -6.25 -6.34
C VAL A 52 -1.33 -7.65 -5.91
N SER A 53 -1.58 -7.93 -4.64
CA SER A 53 -1.15 -9.18 -4.04
C SER A 53 -2.37 -10.04 -3.71
N ILE A 54 -2.56 -11.10 -4.49
CA ILE A 54 -3.79 -11.88 -4.52
C ILE A 54 -3.47 -13.32 -4.11
N SER A 55 -4.26 -13.81 -3.15
CA SER A 55 -4.14 -15.19 -2.72
C SER A 55 -4.62 -16.19 -3.80
N PRO A 56 -3.83 -17.27 -4.05
CA PRO A 56 -4.17 -18.39 -4.95
C PRO A 56 -5.54 -18.98 -4.61
N LYS A 57 -6.00 -18.78 -3.38
CA LYS A 57 -7.34 -19.11 -2.97
C LYS A 57 -8.46 -18.32 -3.63
N ARG A 58 -8.17 -17.16 -4.22
CA ARG A 58 -9.28 -16.39 -4.77
C ARG A 58 -9.64 -16.92 -6.16
N PHE A 59 -10.93 -16.87 -6.50
CA PHE A 59 -11.35 -17.18 -7.85
C PHE A 59 -10.66 -16.18 -8.79
N THR A 60 -10.54 -14.92 -8.37
CA THR A 60 -9.80 -13.91 -9.14
C THR A 60 -8.39 -14.32 -9.58
N HIS A 61 -7.69 -15.11 -8.76
CA HIS A 61 -6.31 -15.53 -9.07
C HIS A 61 -6.13 -16.27 -10.41
N GLY A 62 -6.90 -17.34 -10.63
CA GLY A 62 -6.83 -18.07 -11.91
C GLY A 62 -7.35 -17.24 -13.08
N LEU A 63 -8.32 -16.37 -12.83
CA LEU A 63 -8.81 -15.49 -13.88
C LEU A 63 -7.73 -14.52 -14.38
N LEU A 64 -6.86 -14.04 -13.49
CA LEU A 64 -5.75 -13.13 -13.87
C LEU A 64 -4.68 -13.86 -14.70
N LEU A 65 -4.36 -15.07 -14.28
CA LEU A 65 -3.41 -15.90 -14.97
C LEU A 65 -3.89 -16.13 -16.39
N LYS A 66 -5.19 -16.43 -16.57
CA LYS A 66 -5.73 -16.64 -17.92
C LYS A 66 -5.80 -15.37 -18.74
N ALA A 67 -6.46 -14.33 -18.23
CA ALA A 67 -6.67 -13.10 -18.98
C ALA A 67 -5.42 -12.22 -19.20
N ARG A 68 -4.51 -12.21 -18.22
CA ARG A 68 -3.31 -11.36 -18.28
C ARG A 68 -3.60 -9.85 -18.40
N ARG A 69 -4.82 -9.41 -18.09
CA ARG A 69 -5.11 -7.98 -18.09
C ARG A 69 -6.15 -7.79 -17.02
N PHE A 70 -6.13 -6.64 -16.35
CA PHE A 70 -7.09 -6.39 -15.31
C PHE A 70 -7.27 -4.89 -15.13
N SER A 71 -8.25 -4.51 -14.33
CA SER A 71 -8.41 -3.13 -13.91
C SER A 71 -8.16 -3.05 -12.40
N ALA A 72 -7.67 -1.90 -11.94
CA ALA A 72 -7.64 -1.61 -10.51
C ALA A 72 -8.44 -0.34 -10.42
N SER A 73 -9.56 -0.39 -9.74
CA SER A 73 -10.41 0.79 -9.61
C SER A 73 -10.48 1.24 -8.17
N PHE A 74 -10.69 2.54 -7.95
CA PHE A 74 -10.59 3.16 -6.64
C PHE A 74 -11.87 3.94 -6.36
N HIS A 75 -12.48 3.65 -5.23
CA HIS A 75 -13.89 3.93 -5.02
C HIS A 75 -14.08 4.85 -3.83
N PRO A 76 -15.10 5.73 -3.89
CA PRO A 76 -15.38 6.65 -2.78
C PRO A 76 -15.96 5.94 -1.54
N PHE A 77 -15.82 6.56 -0.37
CA PHE A 77 -16.41 6.02 0.85
C PHE A 77 -17.86 5.60 0.63
N GLY A 78 -18.55 6.31 -0.27
CA GLY A 78 -19.94 6.05 -0.62
C GLY A 78 -20.22 4.60 -0.88
N GLN A 79 -19.30 3.92 -1.55
CA GLN A 79 -19.48 2.53 -2.00
C GLN A 79 -18.91 1.45 -1.10
N LYS A 80 -18.66 1.78 0.15
CA LYS A 80 -18.14 0.84 1.14
C LYS A 80 -18.86 -0.54 1.18
N ASP A 81 -20.18 -0.52 0.99
CA ASP A 81 -20.98 -1.75 1.07
C ASP A 81 -20.87 -2.62 -0.16
N LEU A 82 -20.76 -2.01 -1.33
CA LEU A 82 -20.52 -2.79 -2.55
C LEU A 82 -19.09 -3.33 -2.49
N VAL A 83 -18.14 -2.49 -2.08
CA VAL A 83 -16.77 -2.98 -1.89
C VAL A 83 -16.75 -4.16 -0.91
N HIS A 84 -17.30 -3.98 0.30
CA HIS A 84 -17.33 -5.07 1.26
C HIS A 84 -18.00 -6.32 0.67
N TRP A 85 -19.15 -6.12 0.01
CA TRP A 85 -19.85 -7.24 -0.56
C TRP A 85 -18.93 -8.04 -1.50
N LEU A 86 -18.23 -7.36 -2.39
CA LEU A 86 -17.36 -8.01 -3.36
C LEU A 86 -16.18 -8.70 -2.68
N GLY A 87 -15.91 -8.29 -1.43
CA GLY A 87 -14.80 -8.82 -0.66
C GLY A 87 -15.21 -9.92 0.29
N SER A 88 -16.52 -10.15 0.41
CA SER A 88 -17.10 -11.19 1.27
C SER A 88 -17.70 -12.39 0.51
N HIS A 89 -17.79 -12.32 -0.82
CA HIS A 89 -18.38 -13.41 -1.59
C HIS A 89 -17.43 -13.79 -2.68
N SER A 90 -17.52 -15.02 -3.16
CA SER A 90 -16.63 -15.48 -4.20
C SER A 90 -17.37 -15.66 -5.55
N GLY A 91 -16.70 -15.30 -6.65
CA GLY A 91 -17.20 -15.59 -7.99
C GLY A 91 -17.48 -17.08 -8.24
N ARG A 92 -17.02 -17.93 -7.32
CA ARG A 92 -17.38 -19.36 -7.38
C ARG A 92 -18.84 -19.60 -7.02
N GLU A 93 -19.50 -18.65 -6.35
CA GLU A 93 -20.85 -18.90 -5.85
C GLU A 93 -21.89 -17.83 -6.17
N VAL A 94 -21.43 -16.74 -6.77
CA VAL A 94 -22.24 -15.61 -7.14
C VAL A 94 -21.54 -14.93 -8.32
N ASP A 95 -22.34 -14.51 -9.29
CA ASP A 95 -21.82 -13.84 -10.48
C ASP A 95 -21.64 -12.36 -10.17
N LYS A 96 -20.38 -12.00 -9.87
CA LYS A 96 -20.04 -10.63 -9.42
C LYS A 96 -20.12 -9.62 -10.57
N GLY A 97 -20.03 -10.12 -11.80
CA GLY A 97 -20.21 -9.32 -13.01
C GLY A 97 -21.56 -8.65 -13.16
N GLN A 98 -22.50 -8.95 -12.29
CA GLN A 98 -23.78 -8.27 -12.35
C GLN A 98 -23.75 -6.91 -11.64
N ALA A 99 -22.67 -6.69 -10.89
CA ALA A 99 -22.35 -5.36 -10.36
C ALA A 99 -22.12 -4.39 -11.52
N PRO A 100 -22.73 -3.19 -11.45
CA PRO A 100 -22.64 -2.24 -12.57
C PRO A 100 -21.18 -1.91 -12.93
N HIS A 101 -20.82 -2.15 -14.19
CA HIS A 101 -19.48 -1.93 -14.69
C HIS A 101 -19.49 -1.60 -16.17
N PHE A 102 -18.37 -1.09 -16.68
CA PHE A 102 -18.15 -0.95 -18.11
C PHE A 102 -16.84 -1.61 -18.50
N LEU A 103 -16.67 -1.86 -19.80
CA LEU A 103 -15.42 -2.35 -20.31
C LEU A 103 -14.53 -1.16 -20.70
N GLY A 104 -13.21 -1.30 -20.55
CA GLY A 104 -12.29 -0.22 -20.89
C GLY A 104 -11.78 -0.45 -22.29
N HIS A 105 -10.83 0.40 -22.70
CA HIS A 105 -10.26 0.38 -24.06
C HIS A 105 -9.64 -0.98 -24.40
N THR A 106 -8.99 -1.60 -23.40
CA THR A 106 -8.37 -2.91 -23.55
C THR A 106 -9.34 -4.05 -23.23
N GLY A 107 -10.60 -3.71 -22.94
CA GLY A 107 -11.65 -4.72 -22.72
C GLY A 107 -11.65 -5.35 -21.34
N VAL A 108 -10.88 -4.77 -20.41
CA VAL A 108 -10.92 -5.18 -19.00
C VAL A 108 -12.15 -4.52 -18.41
N PRO A 109 -12.78 -5.15 -17.39
CA PRO A 109 -13.95 -4.54 -16.78
C PRO A 109 -13.64 -3.62 -15.61
N ILE A 110 -14.37 -2.52 -15.54
CA ILE A 110 -14.11 -1.50 -14.56
C ILE A 110 -15.40 -1.25 -13.82
N LEU A 111 -15.35 -1.26 -12.49
CA LEU A 111 -16.52 -1.17 -11.66
C LEU A 111 -16.98 0.29 -11.60
N GLU A 112 -18.27 0.52 -11.88
CA GLU A 112 -18.79 1.88 -11.97
C GLU A 112 -18.78 2.59 -10.63
N GLY A 113 -18.66 3.91 -10.69
CA GLY A 113 -18.70 4.76 -9.48
C GLY A 113 -17.30 5.06 -8.92
N ALA A 114 -16.28 4.55 -9.59
CA ALA A 114 -14.88 4.83 -9.20
C ALA A 114 -14.50 6.29 -9.44
N TYR A 115 -13.75 6.89 -8.51
CA TYR A 115 -13.11 8.15 -8.85
C TYR A 115 -11.93 8.03 -9.83
N ALA A 116 -11.27 6.87 -9.86
CA ALA A 116 -10.18 6.60 -10.84
C ALA A 116 -10.01 5.12 -11.11
N ALA A 117 -9.44 4.76 -12.24
CA ALA A 117 -9.11 3.36 -12.49
C ALA A 117 -7.93 3.25 -13.42
N TYR A 118 -7.22 2.15 -13.32
CA TYR A 118 -6.16 1.86 -14.28
C TYR A 118 -6.55 0.62 -15.05
N GLU A 119 -6.12 0.56 -16.30
CA GLU A 119 -6.22 -0.68 -17.04
C GLU A 119 -4.82 -1.19 -17.13
N LEU A 120 -4.61 -2.46 -16.80
CA LEU A 120 -3.26 -2.96 -16.70
C LEU A 120 -3.02 -4.17 -17.57
N GLU A 121 -1.81 -4.30 -18.06
CA GLU A 121 -1.40 -5.48 -18.78
C GLU A 121 -0.49 -6.20 -17.80
N LEU A 122 -0.72 -7.49 -17.58
CA LEU A 122 0.09 -8.24 -16.62
C LEU A 122 1.53 -8.45 -17.12
N LEU A 123 2.51 -8.00 -16.35
CA LEU A 123 3.91 -8.21 -16.71
C LEU A 123 4.54 -9.42 -16.04
N GLU A 124 4.34 -9.58 -14.74
CA GLU A 124 5.01 -10.66 -14.01
C GLU A 124 4.13 -11.03 -12.86
N VAL A 125 4.35 -12.24 -12.36
CA VAL A 125 3.70 -12.73 -11.15
C VAL A 125 4.82 -13.27 -10.30
N HIS A 126 4.83 -12.94 -9.02
CA HIS A 126 5.86 -13.46 -8.12
C HIS A 126 5.20 -14.03 -6.91
N THR A 127 5.62 -15.21 -6.50
CA THR A 127 5.09 -15.81 -5.27
C THR A 127 5.88 -15.38 -4.07
N PHE A 128 5.20 -14.72 -3.13
CA PHE A 128 5.84 -14.35 -1.88
C PHE A 128 5.02 -14.98 -0.78
N GLY A 129 5.49 -16.11 -0.22
CA GLY A 129 4.73 -16.80 0.82
C GLY A 129 3.34 -17.20 0.38
N ASP A 130 2.30 -16.79 1.11
CA ASP A 130 0.98 -17.31 0.76
C ASP A 130 0.19 -16.45 -0.24
N HIS A 131 0.80 -15.43 -0.83
CA HIS A 131 0.12 -14.64 -1.89
C HIS A 131 1.04 -14.43 -3.08
N ASP A 132 0.44 -14.22 -4.24
CA ASP A 132 1.14 -13.84 -5.46
C ASP A 132 0.97 -12.37 -5.75
N LEU A 133 2.08 -11.70 -6.06
CA LEU A 133 2.08 -10.33 -6.47
C LEU A 133 1.97 -10.29 -7.98
N PHE A 134 0.87 -9.70 -8.47
CA PHE A 134 0.66 -9.43 -9.89
C PHE A 134 1.05 -8.00 -10.18
N VAL A 135 2.11 -7.89 -10.97
CA VAL A 135 2.66 -6.64 -11.41
C VAL A 135 2.09 -6.31 -12.80
N GLY A 136 1.31 -5.24 -12.83
CA GLY A 136 0.73 -4.74 -14.06
C GLY A 136 1.35 -3.44 -14.56
N ARG A 137 1.45 -3.31 -15.88
CA ARG A 137 1.84 -2.03 -16.45
C ARG A 137 0.57 -1.24 -16.74
N VAL A 138 0.49 0.01 -16.29
CA VAL A 138 -0.71 0.84 -16.56
C VAL A 138 -0.74 1.20 -18.05
N VAL A 139 -1.71 0.70 -18.79
CA VAL A 139 -1.82 1.08 -20.19
C VAL A 139 -2.89 2.12 -20.45
N ALA A 140 -3.84 2.27 -19.54
CA ALA A 140 -4.83 3.36 -19.63
C ALA A 140 -5.30 3.86 -18.27
N VAL A 141 -5.80 5.09 -18.22
CA VAL A 141 -6.16 5.76 -16.98
C VAL A 141 -7.56 6.36 -17.15
N TRP A 142 -8.41 6.21 -16.13
CA TRP A 142 -9.77 6.77 -16.10
C TRP A 142 -9.84 7.63 -14.86
N GLU A 143 -10.43 8.80 -14.99
CA GLU A 143 -10.56 9.73 -13.88
C GLU A 143 -11.92 10.39 -13.99
N GLU A 144 -12.61 10.46 -12.86
CA GLU A 144 -13.81 11.25 -12.75
C GLU A 144 -13.35 12.66 -12.37
N GLU A 145 -13.25 13.53 -13.38
CA GLU A 145 -12.68 14.87 -13.24
C GLU A 145 -13.32 15.67 -12.12
N GLY A 146 -12.50 16.39 -11.36
CA GLY A 146 -13.03 17.24 -10.30
C GLY A 146 -13.19 16.54 -8.97
N LEU A 147 -13.32 15.20 -9.01
CA LEU A 147 -13.24 14.36 -7.80
C LEU A 147 -11.79 14.15 -7.41
N LEU A 148 -10.89 14.36 -8.36
CA LEU A 148 -9.47 14.48 -8.09
C LEU A 148 -9.17 15.98 -7.89
N ASP A 149 -8.09 16.29 -7.18
CA ASP A 149 -7.59 17.67 -7.18
C ASP A 149 -6.77 17.89 -8.44
N GLU A 150 -5.98 18.95 -8.47
CA GLU A 150 -5.30 19.34 -9.68
C GLU A 150 -4.06 18.48 -9.97
N LYS A 151 -3.46 17.91 -8.92
CA LYS A 151 -2.25 17.11 -9.08
C LYS A 151 -2.53 15.62 -9.32
N GLY A 152 -3.80 15.23 -9.34
CA GLY A 152 -4.17 13.85 -9.59
C GLY A 152 -4.63 13.09 -8.35
N ARG A 153 -4.53 13.74 -7.19
CA ARG A 153 -4.90 13.14 -5.90
C ARG A 153 -6.39 13.27 -5.67
N PRO A 154 -7.06 12.22 -5.14
CA PRO A 154 -8.50 12.34 -4.85
C PRO A 154 -8.76 13.36 -3.74
N LYS A 155 -9.85 14.12 -3.89
CA LYS A 155 -10.18 15.20 -2.97
C LYS A 155 -10.30 14.69 -1.54
N PRO A 156 -9.75 15.44 -0.57
CA PRO A 156 -9.65 14.93 0.80
C PRO A 156 -11.01 14.51 1.32
N GLY A 157 -11.02 13.42 2.09
CA GLY A 157 -12.23 12.87 2.65
C GLY A 157 -12.92 11.80 1.82
N LEU A 158 -12.61 11.78 0.53
CA LEU A 158 -13.31 10.89 -0.43
C LEU A 158 -12.92 9.39 -0.39
N ALA A 159 -11.62 9.10 -0.35
CA ALA A 159 -11.10 7.72 -0.38
C ALA A 159 -11.77 6.77 0.63
N LEU A 160 -12.09 5.57 0.17
CA LEU A 160 -12.48 4.51 1.09
C LEU A 160 -11.21 3.92 1.72
N LEU A 161 -11.16 3.87 3.04
CA LEU A 161 -10.01 3.34 3.74
C LEU A 161 -10.43 2.03 4.36
N TYR A 162 -9.51 1.09 4.40
CA TYR A 162 -9.79 -0.19 5.03
C TYR A 162 -8.83 -0.44 6.16
N TYR A 163 -9.38 -0.80 7.32
CA TYR A 163 -8.55 -1.09 8.50
C TYR A 163 -8.31 -2.56 8.74
N GLY A 164 -8.93 -3.43 7.95
CA GLY A 164 -8.76 -4.89 8.11
C GLY A 164 -9.91 -5.48 8.90
N LYS A 165 -10.24 -6.76 8.64
CA LYS A 165 -11.29 -7.49 9.37
C LYS A 165 -12.63 -6.74 9.34
N GLY A 166 -13.07 -6.38 8.14
CA GLY A 166 -14.39 -5.77 7.91
C GLY A 166 -14.63 -4.36 8.39
N LEU A 167 -13.58 -3.67 8.86
CA LEU A 167 -13.66 -2.27 9.31
C LEU A 167 -13.15 -1.22 8.28
N TYR A 168 -14.01 -0.25 7.97
CA TYR A 168 -13.70 0.77 6.98
C TYR A 168 -13.73 2.16 7.60
N GLY A 169 -13.15 3.11 6.88
CA GLY A 169 -13.00 4.47 7.31
C GLY A 169 -12.80 5.36 6.10
N ARG A 170 -12.46 6.62 6.37
CA ARG A 170 -12.26 7.60 5.32
C ARG A 170 -11.26 8.58 5.86
N PRO A 171 -10.53 9.29 4.98
CA PRO A 171 -9.60 10.25 5.56
C PRO A 171 -10.36 11.48 6.12
N ALA A 172 -9.78 12.15 7.12
CA ALA A 172 -10.27 13.48 7.49
C ALA A 172 -10.07 14.46 6.32
N GLU A 173 -10.93 15.47 6.22
CA GLU A 173 -10.82 16.50 5.19
C GLU A 173 -9.71 17.53 5.42
N GLU A 174 -9.20 17.61 6.64
CA GLU A 174 -8.02 18.42 6.93
C GLU A 174 -6.73 17.75 6.42
N THR A 175 -5.95 18.53 5.68
CA THR A 175 -4.69 18.09 5.13
C THR A 175 -3.60 19.00 5.67
N PHE A 176 -2.36 18.56 5.65
CA PHE A 176 -1.27 19.45 5.95
C PHE A 176 -0.08 19.29 5.00
N ALA A 177 0.38 20.40 4.45
CA ALA A 177 1.55 20.44 3.57
C ALA A 177 2.72 21.15 4.25
N PRO A 178 3.53 20.41 5.02
CA PRO A 178 4.50 21.02 5.94
C PRO A 178 5.76 21.51 5.24
N MET B 1 -16.51 10.62 -16.69
CA MET B 1 -15.20 9.91 -16.57
C MET B 1 -14.31 10.08 -17.80
N ARG B 2 -13.36 11.00 -17.73
CA ARG B 2 -12.30 11.16 -18.74
C ARG B 2 -11.35 9.94 -18.72
N SER B 3 -10.71 9.67 -19.85
CA SER B 3 -9.77 8.58 -19.95
C SER B 3 -8.68 8.90 -20.96
N TYR B 4 -7.52 8.26 -20.83
CA TYR B 4 -6.51 8.36 -21.89
C TYR B 4 -5.59 7.15 -21.89
N ARG B 5 -4.94 6.89 -23.03
CA ARG B 5 -3.89 5.88 -23.15
C ARG B 5 -2.62 6.38 -22.44
N ALA B 6 -1.94 5.50 -21.71
CA ALA B 6 -0.63 5.80 -21.12
C ALA B 6 0.41 5.95 -22.21
N GLN B 7 1.18 7.03 -22.16
CA GLN B 7 2.17 7.33 -23.20
C GLN B 7 3.54 7.56 -22.60
N GLY B 8 3.76 7.02 -21.40
CA GLY B 8 4.98 7.29 -20.64
C GLY B 8 4.59 7.40 -19.18
N PRO B 9 5.44 8.04 -18.36
CA PRO B 9 5.03 8.24 -16.96
C PRO B 9 3.75 9.08 -16.86
N LEU B 10 2.88 8.76 -15.92
CA LEU B 10 1.64 9.51 -15.82
C LEU B 10 1.86 10.92 -15.31
N PRO B 11 1.05 11.88 -15.79
CA PRO B 11 1.15 13.26 -15.28
C PRO B 11 1.01 13.33 -13.75
N GLY B 12 0.50 12.29 -13.15
CA GLY B 12 0.44 12.16 -11.68
C GLY B 12 0.01 10.73 -11.44
N PHE B 13 0.69 10.08 -10.52
CA PHE B 13 0.52 8.67 -10.27
C PHE B 13 0.06 8.60 -8.81
N TYR B 14 -1.05 9.27 -8.52
CA TYR B 14 -1.50 9.38 -7.15
C TYR B 14 -2.93 8.85 -6.92
N HIS B 15 -3.47 8.14 -7.90
CA HIS B 15 -4.90 7.74 -7.84
C HIS B 15 -5.23 6.77 -6.70
N TYR B 16 -4.23 6.01 -6.24
CA TYR B 16 -4.42 4.97 -5.21
C TYR B 16 -3.98 5.48 -3.84
N TYR B 17 -3.61 6.74 -3.77
CA TYR B 17 -3.32 7.37 -2.49
C TYR B 17 -4.63 7.82 -1.81
N PRO B 18 -4.59 8.12 -0.52
CA PRO B 18 -3.47 8.18 0.39
C PRO B 18 -3.03 6.78 0.81
N GLY B 19 -1.80 6.67 1.33
CA GLY B 19 -1.37 5.47 2.01
C GLY B 19 -0.55 5.87 3.23
N VAL B 20 -0.41 4.95 4.19
CA VAL B 20 0.46 5.12 5.34
C VAL B 20 1.94 4.98 4.88
N PRO B 21 2.80 5.95 5.22
CA PRO B 21 4.19 5.75 4.87
C PRO B 21 4.91 4.86 5.87
N ALA B 22 5.77 3.97 5.40
CA ALA B 22 6.51 3.12 6.30
C ALA B 22 7.82 3.85 6.48
N VAL B 23 8.29 3.98 7.72
CA VAL B 23 9.60 4.57 7.90
C VAL B 23 10.60 3.40 7.92
N VAL B 24 11.46 3.37 6.89
CA VAL B 24 12.47 2.30 6.74
C VAL B 24 13.75 2.74 7.49
N GLY B 25 14.16 1.97 8.48
CA GLY B 25 15.38 2.29 9.24
C GLY B 25 16.40 1.22 8.89
N VAL B 26 17.63 1.65 8.59
CA VAL B 26 18.72 0.71 8.26
C VAL B 26 20.02 1.12 8.96
N ARG B 27 20.81 0.15 9.43
CA ARG B 27 22.11 0.43 10.06
C ARG B 27 23.21 -0.38 9.38
N VAL B 28 24.27 0.30 8.97
CA VAL B 28 25.47 -0.36 8.49
C VAL B 28 26.60 0.17 9.38
N GLU B 29 27.22 -0.74 10.15
CA GLU B 29 28.20 -0.40 11.19
C GLU B 29 27.58 0.59 12.19
N GLU B 30 28.10 1.82 12.23
CA GLU B 30 27.56 2.81 13.16
C GLU B 30 26.64 3.81 12.43
N ARG B 31 26.55 3.68 11.11
CA ARG B 31 25.76 4.60 10.32
C ARG B 31 24.30 4.11 10.28
N VAL B 32 23.42 4.97 10.78
CA VAL B 32 21.96 4.77 10.77
C VAL B 32 21.30 5.76 9.80
N ASN B 33 20.32 5.27 9.03
CA ASN B 33 19.53 6.07 8.08
C ASN B 33 18.02 5.77 8.14
N PHE B 34 17.21 6.77 7.83
CA PHE B 34 15.76 6.61 7.83
C PHE B 34 15.20 7.17 6.54
N CYS B 35 14.17 6.52 6.01
CA CYS B 35 13.62 6.87 4.70
C CYS B 35 12.13 6.48 4.67
N PRO B 36 11.24 7.47 4.57
CA PRO B 36 9.83 7.05 4.42
C PRO B 36 9.59 6.39 3.06
N ALA B 37 8.75 5.36 3.07
CA ALA B 37 8.36 4.68 1.86
C ALA B 37 6.83 4.55 1.84
N VAL B 38 6.16 5.34 0.98
CA VAL B 38 4.71 5.16 0.84
C VAL B 38 4.30 3.99 -0.05
N TRP B 39 5.20 3.57 -0.92
CA TRP B 39 5.00 2.31 -1.65
C TRP B 39 5.43 1.16 -0.78
N ASN B 40 4.48 0.66 0.00
CA ASN B 40 4.75 -0.45 0.89
C ASN B 40 3.48 -1.26 0.92
N THR B 41 3.54 -2.50 1.40
CA THR B 41 2.35 -3.35 1.42
C THR B 41 2.65 -4.69 2.06
N GLY B 42 1.62 -5.32 2.62
CA GLY B 42 1.75 -6.72 3.04
C GLY B 42 1.90 -7.55 1.79
N LEU B 43 2.63 -8.65 1.91
CA LEU B 43 2.86 -9.56 0.78
C LEU B 43 2.52 -11.01 1.13
N SER B 44 2.39 -11.30 2.42
CA SER B 44 2.07 -12.66 2.85
C SER B 44 1.72 -12.66 4.33
N ALA B 45 0.76 -13.50 4.75
CA ALA B 45 0.42 -13.62 6.17
C ALA B 45 1.25 -14.73 6.84
N ASP B 46 1.43 -15.84 6.13
CA ASP B 46 2.18 -16.99 6.62
C ASP B 46 3.09 -17.53 5.55
N PRO B 47 4.40 -17.24 5.63
CA PRO B 47 5.03 -16.41 6.69
C PRO B 47 4.71 -14.93 6.49
N PRO B 48 4.86 -14.10 7.53
CA PRO B 48 4.55 -12.68 7.37
C PRO B 48 5.66 -11.91 6.61
N LEU B 49 5.35 -11.53 5.37
CA LEU B 49 6.20 -10.73 4.51
C LEU B 49 5.65 -9.33 4.27
N PHE B 50 6.54 -8.36 4.39
CA PHE B 50 6.16 -7.00 4.16
C PHE B 50 7.09 -6.38 3.13
N GLY B 51 6.53 -5.61 2.20
CA GLY B 51 7.29 -5.04 1.11
C GLY B 51 7.39 -3.53 1.09
N VAL B 52 8.58 -3.03 0.79
CA VAL B 52 8.82 -1.63 0.51
C VAL B 52 9.54 -1.45 -0.84
N SER B 53 9.14 -0.43 -1.57
CA SER B 53 9.64 -0.20 -2.90
C SER B 53 10.47 1.09 -2.87
N ILE B 54 11.78 0.94 -3.09
CA ILE B 54 12.77 1.99 -2.86
C ILE B 54 13.54 2.22 -4.18
N SER B 55 13.65 3.48 -4.57
CA SER B 55 14.44 3.88 -5.72
C SER B 55 15.96 3.62 -5.50
N PRO B 56 16.64 3.13 -6.56
CA PRO B 56 18.11 3.01 -6.51
C PRO B 56 18.78 4.37 -6.23
N LYS B 57 18.11 5.48 -6.53
CA LYS B 57 18.57 6.82 -6.20
C LYS B 57 18.75 7.14 -4.71
N ARG B 58 18.01 6.45 -3.84
CA ARG B 58 18.10 6.70 -2.38
C ARG B 58 19.38 6.14 -1.78
N PHE B 59 19.99 6.90 -0.87
CA PHE B 59 21.12 6.42 -0.06
C PHE B 59 20.69 5.14 0.66
N THR B 60 19.46 5.09 1.14
CA THR B 60 18.90 3.90 1.80
C THR B 60 18.97 2.66 0.93
N HIS B 61 18.81 2.81 -0.37
CA HIS B 61 18.87 1.63 -1.25
C HIS B 61 20.17 0.83 -0.98
N GLY B 62 21.33 1.46 -1.13
CA GLY B 62 22.64 0.75 -0.98
C GLY B 62 22.83 0.19 0.42
N LEU B 63 22.28 0.89 1.42
CA LEU B 63 22.40 0.46 2.80
C LEU B 63 21.65 -0.86 3.05
N LEU B 64 20.44 -0.97 2.49
CA LEU B 64 19.64 -2.19 2.67
C LEU B 64 20.32 -3.39 2.02
N LEU B 65 20.92 -3.18 0.85
CA LEU B 65 21.62 -4.28 0.17
C LEU B 65 22.76 -4.80 1.04
N LYS B 66 23.52 -3.87 1.62
CA LYS B 66 24.63 -4.20 2.48
C LYS B 66 24.16 -4.85 3.80
N ALA B 67 23.24 -4.19 4.52
CA ALA B 67 22.77 -4.67 5.82
C ALA B 67 21.87 -5.91 5.77
N ARG B 68 21.07 -6.06 4.71
CA ARG B 68 20.14 -7.21 4.61
C ARG B 68 19.11 -7.34 5.76
N ARG B 69 18.97 -6.27 6.54
CA ARG B 69 18.01 -6.20 7.65
C ARG B 69 17.55 -4.77 7.73
N PHE B 70 16.29 -4.54 8.07
CA PHE B 70 15.82 -3.18 8.24
C PHE B 70 14.64 -3.17 9.18
N SER B 71 14.21 -1.99 9.61
CA SER B 71 12.91 -1.82 10.24
C SER B 71 11.91 -1.06 9.35
N ALA B 72 10.62 -1.23 9.66
CA ALA B 72 9.57 -0.45 9.05
C ALA B 72 8.72 0.02 10.21
N SER B 73 8.64 1.32 10.42
CA SER B 73 7.87 1.88 11.57
C SER B 73 6.75 2.76 11.11
N PHE B 74 5.70 2.83 11.91
CA PHE B 74 4.48 3.52 11.52
C PHE B 74 4.14 4.53 12.60
N HIS B 75 3.87 5.75 12.18
CA HIS B 75 3.98 6.89 13.04
C HIS B 75 2.68 7.68 13.11
N PRO B 76 2.37 8.25 14.29
CA PRO B 76 1.14 9.04 14.47
C PRO B 76 1.16 10.34 13.65
N PHE B 77 -0.02 10.80 13.27
CA PHE B 77 -0.16 12.10 12.63
C PHE B 77 0.72 13.20 13.25
N GLY B 78 0.88 13.15 14.57
CA GLY B 78 1.69 14.12 15.29
C GLY B 78 3.14 14.22 14.87
N GLN B 79 3.66 13.18 14.23
CA GLN B 79 5.05 13.19 13.81
C GLN B 79 5.26 13.48 12.33
N LYS B 80 4.28 14.09 11.69
CA LYS B 80 4.33 14.35 10.25
C LYS B 80 5.50 15.22 9.79
N ASP B 81 5.92 16.16 10.64
CA ASP B 81 7.01 17.08 10.28
C ASP B 81 8.33 16.36 10.27
N LEU B 82 8.53 15.49 11.25
CA LEU B 82 9.70 14.62 11.29
C LEU B 82 9.68 13.66 10.09
N VAL B 83 8.53 13.06 9.81
CA VAL B 83 8.44 12.12 8.69
C VAL B 83 8.76 12.84 7.42
N HIS B 84 8.15 14.02 7.21
CA HIS B 84 8.42 14.79 6.00
C HIS B 84 9.88 15.18 5.82
N TRP B 85 10.49 15.60 6.92
CA TRP B 85 11.89 15.96 6.93
C TRP B 85 12.78 14.78 6.51
N LEU B 86 12.46 13.59 6.99
CA LEU B 86 13.31 12.45 6.67
C LEU B 86 13.14 12.06 5.20
N GLY B 87 12.03 12.45 4.60
CA GLY B 87 11.76 12.19 3.20
C GLY B 87 12.07 13.32 2.27
N SER B 88 12.72 14.38 2.74
CA SER B 88 13.06 15.51 1.90
C SER B 88 14.50 15.81 2.06
N HIS B 89 15.24 14.98 2.78
CA HIS B 89 16.70 15.11 2.86
C HIS B 89 17.35 13.74 2.70
N SER B 90 18.57 13.73 2.17
CA SER B 90 19.30 12.48 1.97
C SER B 90 20.40 12.21 3.04
N GLY B 91 20.57 10.94 3.41
CA GLY B 91 21.68 10.51 4.28
C GLY B 91 23.03 10.91 3.67
N ARG B 92 23.06 11.13 2.35
CA ARG B 92 24.28 11.59 1.69
C ARG B 92 24.69 12.99 2.13
N GLU B 93 23.72 13.80 2.55
CA GLU B 93 24.00 15.20 2.90
C GLU B 93 23.76 15.56 4.37
N VAL B 94 23.13 14.67 5.13
CA VAL B 94 22.77 14.98 6.51
C VAL B 94 22.73 13.68 7.31
N ASP B 95 23.09 13.71 8.60
CA ASP B 95 23.11 12.48 9.40
C ASP B 95 21.75 12.25 10.06
N LYS B 96 20.98 11.35 9.47
CA LYS B 96 19.63 11.05 9.92
C LYS B 96 19.66 10.19 11.18
N GLY B 97 20.82 9.59 11.47
CA GLY B 97 21.04 8.86 12.73
C GLY B 97 20.80 9.70 13.98
N GLN B 98 20.75 11.02 13.84
CA GLN B 98 20.54 11.90 14.99
C GLN B 98 19.08 12.02 15.37
N ALA B 99 18.19 11.56 14.50
CA ALA B 99 16.77 11.48 14.84
C ALA B 99 16.61 10.44 15.96
N PRO B 100 15.84 10.76 17.02
CA PRO B 100 15.77 9.88 18.18
C PRO B 100 15.20 8.50 17.82
N HIS B 101 15.90 7.47 18.25
CA HIS B 101 15.58 6.13 17.85
C HIS B 101 16.21 5.16 18.85
N PHE B 102 15.78 3.91 18.80
CA PHE B 102 16.41 2.84 19.59
C PHE B 102 16.72 1.70 18.65
N LEU B 103 17.57 0.78 19.10
CA LEU B 103 17.88 -0.41 18.32
C LEU B 103 16.97 -1.57 18.73
N GLY B 104 16.60 -2.44 17.78
CA GLY B 104 15.68 -3.55 18.06
C GLY B 104 16.45 -4.79 18.49
N HIS B 105 15.74 -5.89 18.71
CA HIS B 105 16.37 -7.15 19.13
C HIS B 105 17.40 -7.60 18.13
N THR B 106 17.13 -7.36 16.84
CA THR B 106 18.04 -7.76 15.75
C THR B 106 18.99 -6.62 15.41
N GLY B 107 18.85 -5.47 16.07
CA GLY B 107 19.84 -4.38 15.92
C GLY B 107 19.56 -3.42 14.77
N VAL B 108 18.36 -3.51 14.20
CA VAL B 108 17.89 -2.56 13.22
C VAL B 108 17.43 -1.36 14.03
N PRO B 109 17.64 -0.15 13.51
CA PRO B 109 17.17 1.06 14.23
C PRO B 109 15.72 1.35 13.94
N ILE B 110 15.00 1.77 14.97
CA ILE B 110 13.60 2.04 14.88
C ILE B 110 13.41 3.48 15.36
N LEU B 111 12.73 4.28 14.55
CA LEU B 111 12.47 5.68 14.85
C LEU B 111 11.46 5.77 15.99
N GLU B 112 11.75 6.63 16.96
CA GLU B 112 10.93 6.74 18.15
C GLU B 112 9.64 7.51 17.92
N GLY B 113 8.61 7.13 18.67
CA GLY B 113 7.30 7.79 18.57
C GLY B 113 6.33 6.97 17.75
N ALA B 114 6.80 5.81 17.28
CA ALA B 114 5.99 4.92 16.45
C ALA B 114 4.93 4.23 17.30
N TYR B 115 3.71 4.13 16.78
CA TYR B 115 2.75 3.23 17.39
C TYR B 115 3.05 1.74 17.15
N ALA B 116 3.71 1.41 16.04
CA ALA B 116 4.11 0.03 15.77
C ALA B 116 5.31 0.01 14.83
N ALA B 117 6.09 -1.07 14.84
CA ALA B 117 7.20 -1.24 13.91
C ALA B 117 7.48 -2.71 13.71
N TYR B 118 8.06 -3.08 12.57
CA TYR B 118 8.53 -4.44 12.36
C TYR B 118 10.03 -4.43 12.29
N GLU B 119 10.67 -5.48 12.74
CA GLU B 119 12.05 -5.68 12.34
C GLU B 119 12.01 -6.71 11.25
N LEU B 120 12.74 -6.45 10.16
CA LEU B 120 12.65 -7.36 9.01
C LEU B 120 14.00 -7.93 8.63
N GLU B 121 13.99 -9.17 8.16
CA GLU B 121 15.16 -9.76 7.53
C GLU B 121 14.90 -9.80 6.04
N LEU B 122 15.85 -9.31 5.26
CA LEU B 122 15.64 -9.19 3.82
C LEU B 122 15.68 -10.53 3.14
N LEU B 123 14.60 -10.88 2.48
CA LEU B 123 14.46 -12.14 1.80
C LEU B 123 14.82 -12.03 0.31
N GLU B 124 14.26 -11.05 -0.40
CA GLU B 124 14.56 -10.87 -1.82
C GLU B 124 14.40 -9.43 -2.22
N VAL B 125 15.02 -9.08 -3.33
CA VAL B 125 14.92 -7.75 -3.94
C VAL B 125 14.57 -8.00 -5.39
N HIS B 126 13.55 -7.33 -5.89
CA HIS B 126 13.19 -7.47 -7.29
C HIS B 126 13.09 -6.09 -7.90
N THR B 127 13.64 -5.94 -9.10
CA THR B 127 13.53 -4.71 -9.84
C THR B 127 12.25 -4.65 -10.62
N PHE B 128 11.46 -3.59 -10.42
CA PHE B 128 10.27 -3.35 -11.25
C PHE B 128 10.35 -1.93 -11.74
N GLY B 129 10.77 -1.76 -12.99
CA GLY B 129 10.90 -0.44 -13.58
C GLY B 129 11.95 0.31 -12.83
N ASP B 130 11.63 1.54 -12.41
CA ASP B 130 12.61 2.39 -11.76
C ASP B 130 12.65 2.35 -10.22
N HIS B 131 12.04 1.35 -9.58
CA HIS B 131 12.23 1.11 -8.13
C HIS B 131 12.46 -0.34 -7.90
N ASP B 132 13.09 -0.67 -6.78
CA ASP B 132 13.30 -2.04 -6.32
C ASP B 132 12.39 -2.34 -5.16
N LEU B 133 11.74 -3.50 -5.21
CA LEU B 133 10.93 -4.03 -4.13
C LEU B 133 11.79 -4.87 -3.18
N PHE B 134 11.90 -4.40 -1.95
CA PHE B 134 12.55 -5.11 -0.85
C PHE B 134 11.54 -5.91 -0.06
N VAL B 135 11.63 -7.23 -0.19
CA VAL B 135 10.73 -8.11 0.49
C VAL B 135 11.37 -8.55 1.80
N GLY B 136 10.74 -8.17 2.91
CA GLY B 136 11.27 -8.56 4.21
C GLY B 136 10.37 -9.50 5.00
N ARG B 137 10.98 -10.44 5.71
CA ARG B 137 10.23 -11.29 6.64
C ARG B 137 10.20 -10.63 7.99
N VAL B 138 9.00 -10.47 8.56
CA VAL B 138 8.87 -9.86 9.89
C VAL B 138 9.48 -10.82 10.92
N VAL B 139 10.55 -10.41 11.59
CA VAL B 139 11.16 -11.29 12.60
C VAL B 139 10.86 -10.82 14.02
N ALA B 140 10.39 -9.60 14.17
CA ALA B 140 9.99 -9.13 15.49
C ALA B 140 9.01 -8.01 15.32
N VAL B 141 8.22 -7.74 16.36
CA VAL B 141 7.13 -6.76 16.30
C VAL B 141 7.14 -5.88 17.55
N TRP B 142 6.97 -4.58 17.34
CA TRP B 142 6.91 -3.61 18.41
C TRP B 142 5.58 -2.92 18.31
N GLU B 143 4.97 -2.65 19.47
CA GLU B 143 3.64 -2.02 19.55
C GLU B 143 3.58 -1.11 20.75
N GLU B 144 2.96 0.06 20.58
CA GLU B 144 2.68 0.95 21.70
C GLU B 144 1.26 0.72 22.18
N GLU B 145 1.12 -0.15 23.19
CA GLU B 145 -0.18 -0.66 23.75
C GLU B 145 -1.43 0.21 23.58
N GLY B 146 -1.41 1.36 24.26
CA GLY B 146 -2.56 2.26 24.28
C GLY B 146 -2.62 3.21 23.11
N LEU B 147 -2.23 2.72 21.92
CA LEU B 147 -2.38 3.42 20.65
C LEU B 147 -2.93 2.43 19.59
N LEU B 148 -2.94 1.16 19.95
CA LEU B 148 -3.45 0.07 19.13
C LEU B 148 -4.71 -0.51 19.75
N ASP B 149 -5.71 -0.79 18.91
CA ASP B 149 -6.90 -1.52 19.37
C ASP B 149 -6.58 -3.00 19.58
N GLU B 150 -7.60 -3.82 19.70
CA GLU B 150 -7.40 -5.22 20.08
C GLU B 150 -6.88 -6.09 18.95
N LYS B 151 -7.45 -5.94 17.75
CA LYS B 151 -7.07 -6.73 16.58
C LYS B 151 -5.74 -6.31 15.94
N GLY B 152 -5.15 -5.24 16.47
CA GLY B 152 -3.81 -4.82 16.07
C GLY B 152 -3.74 -3.50 15.33
N ARG B 153 -4.88 -3.00 14.91
CA ARG B 153 -4.98 -1.74 14.15
C ARG B 153 -4.77 -0.50 15.05
N PRO B 154 -4.23 0.59 14.46
CA PRO B 154 -4.11 1.85 15.23
C PRO B 154 -5.49 2.47 15.51
N LYS B 155 -5.62 3.15 16.66
CA LYS B 155 -6.86 3.82 17.02
C LYS B 155 -7.22 4.78 15.90
N PRO B 156 -8.52 4.78 15.49
CA PRO B 156 -8.97 5.61 14.38
C PRO B 156 -8.52 7.06 14.55
N GLY B 157 -8.15 7.71 13.45
CA GLY B 157 -7.60 9.06 13.49
C GLY B 157 -6.10 9.15 13.75
N LEU B 158 -5.52 8.11 14.36
CA LEU B 158 -4.07 8.12 14.68
C LEU B 158 -3.09 8.11 13.46
N ALA B 159 -3.40 7.33 12.42
CA ALA B 159 -2.43 7.08 11.33
C ALA B 159 -2.04 8.33 10.53
N LEU B 160 -0.75 8.47 10.27
CA LEU B 160 -0.30 9.48 9.31
C LEU B 160 -0.61 9.00 7.89
N LEU B 161 -1.39 9.77 7.14
CA LEU B 161 -1.68 9.41 5.76
C LEU B 161 -0.85 10.31 4.85
N TYR B 162 -0.43 9.77 3.71
CA TYR B 162 0.26 10.58 2.72
C TYR B 162 -0.48 10.58 1.40
N TYR B 163 -0.65 11.78 0.85
CA TYR B 163 -1.38 11.98 -0.38
C TYR B 163 -0.51 12.13 -1.61
N GLY B 164 0.79 12.28 -1.43
CA GLY B 164 1.69 12.49 -2.57
C GLY B 164 2.13 13.93 -2.67
N LYS B 165 3.30 14.14 -3.28
CA LYS B 165 3.86 15.49 -3.46
C LYS B 165 3.70 16.37 -2.22
N GLY B 166 4.13 15.89 -1.05
CA GLY B 166 4.20 16.72 0.14
C GLY B 166 2.94 16.99 0.94
N LEU B 167 1.81 16.40 0.55
CA LEU B 167 0.53 16.57 1.27
C LEU B 167 0.18 15.38 2.18
N TYR B 168 -0.08 15.67 3.47
CA TYR B 168 -0.39 14.67 4.47
C TYR B 168 -1.78 14.88 5.02
N GLY B 169 -2.31 13.84 5.69
CA GLY B 169 -3.65 13.82 6.26
C GLY B 169 -3.70 12.76 7.34
N ARG B 170 -4.91 12.34 7.67
CA ARG B 170 -5.14 11.39 8.76
C ARG B 170 -6.54 10.81 8.59
N PRO B 171 -6.79 9.63 9.17
CA PRO B 171 -8.14 9.14 8.92
C PRO B 171 -9.16 9.87 9.79
N ALA B 172 -10.42 9.87 9.36
CA ALA B 172 -11.48 10.36 10.23
C ALA B 172 -11.63 9.46 11.49
N GLU B 173 -12.27 10.02 12.52
CA GLU B 173 -12.67 9.28 13.72
C GLU B 173 -13.71 8.19 13.42
N GLU B 174 -14.60 8.48 12.47
CA GLU B 174 -15.77 7.64 12.18
C GLU B 174 -15.40 6.43 11.33
N THR B 175 -15.62 5.25 11.89
CA THR B 175 -15.38 3.99 11.19
C THR B 175 -16.71 3.26 11.00
N PHE B 176 -16.81 2.46 9.95
CA PHE B 176 -18.04 1.72 9.64
C PHE B 176 -17.70 0.25 9.45
N ALA B 177 -18.37 -0.62 10.21
CA ALA B 177 -18.16 -2.07 10.11
C ALA B 177 -19.41 -2.79 9.59
N PRO B 178 -19.57 -2.93 8.25
CA PRO B 178 -20.81 -3.51 7.73
C PRO B 178 -20.98 -4.97 8.09
#